data_1S9N
#
_entry.id   1S9N
#
_cell.length_a   1.000
_cell.length_b   1.000
_cell.length_c   1.000
_cell.angle_alpha   90.00
_cell.angle_beta   90.00
_cell.angle_gamma   90.00
#
_symmetry.space_group_name_H-M   'P 1'
#
_entity_poly.entity_id   1
_entity_poly.type   'polydeoxyribonucleotide'
_entity_poly.pdbx_seq_one_letter_code
;(DG)(DC)(DA)(DT)(DC)(DC)(DG)(DG)(DA)(DT)(DG)(DC)
;
_entity_poly.pdbx_strand_id   A,B
#
loop_
_chem_comp.id
_chem_comp.type
_chem_comp.name
_chem_comp.formula
DA DNA linking 2'-DEOXYADENOSINE-5'-MONOPHOSPHATE 'C10 H14 N5 O6 P'
DC DNA linking 2'-DEOXYCYTIDINE-5'-MONOPHOSPHATE 'C9 H14 N3 O7 P'
DG DNA linking 2'-DEOXYGUANOSINE-5'-MONOPHOSPHATE 'C10 H14 N5 O7 P'
DT DNA linking THYMIDINE-5'-MONOPHOSPHATE 'C10 H15 N2 O8 P'
#